data_6POI
#
_entry.id   6POI
#
_cell.length_a   117.750
_cell.length_b   63.670
_cell.length_c   96.600
_cell.angle_alpha   90.000
_cell.angle_beta   140.960
_cell.angle_gamma   90.000
#
_symmetry.space_group_name_H-M   'C 1 2 1'
#
loop_
_entity.id
_entity.type
_entity.pdbx_description
1 polymer 'Thiol:disulfide interchange protein DsbA'
2 non-polymer '(6-phenoxy-1-benzofuran-3-yl)acetic acid'
3 non-polymer 'COPPER (II) ION'
4 water water
#
_entity_poly.entity_id   1
_entity_poly.type   'polypeptide(L)'
_entity_poly.pdbx_seq_one_letter_code
;AQYEDGKQYTTLEKPVAGAPQVLEFFSFFCPHCYQFEEVLHISDNVKKKLPEGVKMTKYHVNFMGGDLGKDLTQAWAVAM
ALGVEDKVTVPLFEGVQKTQTIRSASDIRDVFINAGIKGEEYDAAWNSFVVKSLVAQQEKAAADVQLRGVPAMFVNGKYQ
LNPQGMDTSNMDVFVQQYADTVKYLSEKK
;
_entity_poly.pdbx_strand_id   A,B
#
# COMPACT_ATOMS: atom_id res chain seq x y z
N ALA A 1 19.06 12.25 25.17
CA ALA A 1 19.18 10.79 25.13
C ALA A 1 19.05 10.27 23.70
N GLN A 2 19.60 9.07 23.50
CA GLN A 2 19.48 8.40 22.20
C GLN A 2 18.03 8.11 21.85
N TYR A 3 17.24 7.62 22.81
CA TYR A 3 15.81 7.43 22.64
C TYR A 3 15.10 8.57 23.38
N GLU A 4 14.25 9.30 22.67
CA GLU A 4 13.63 10.50 23.23
C GLU A 4 12.14 10.50 22.95
N ASP A 5 11.38 10.85 23.96
CA ASP A 5 9.96 11.14 23.78
C ASP A 5 9.77 12.17 22.67
N GLY A 6 8.95 11.82 21.68
CA GLY A 6 8.68 12.66 20.53
C GLY A 6 9.50 12.30 19.32
N LYS A 7 10.48 11.41 19.46
CA LYS A 7 11.31 10.97 18.34
C LYS A 7 10.94 9.55 17.94
N GLN A 8 11.47 8.55 18.65
CA GLN A 8 11.13 7.18 18.29
C GLN A 8 9.84 6.72 18.92
N TYR A 9 9.37 7.39 19.96
CA TYR A 9 8.16 6.98 20.65
C TYR A 9 7.50 8.21 21.27
N THR A 10 6.25 8.06 21.64
CA THR A 10 5.57 9.07 22.44
C THR A 10 4.99 8.37 23.66
N THR A 11 4.60 9.15 24.66
CA THR A 11 4.16 8.59 25.92
C THR A 11 2.69 8.96 26.14
N LEU A 12 1.89 7.96 26.51
CA LEU A 12 0.45 8.15 26.61
C LEU A 12 0.14 9.04 27.80
N GLU A 13 -0.65 10.10 27.56
CA GLU A 13 -1.00 11.05 28.62
C GLU A 13 -1.86 10.39 29.70
N LYS A 14 -2.62 9.37 29.33
CA LYS A 14 -3.33 8.55 30.32
C LYS A 14 -2.97 7.10 30.03
N PRO A 15 -2.05 6.52 30.80
CA PRO A 15 -1.64 5.13 30.57
C PRO A 15 -2.80 4.17 30.79
N VAL A 16 -2.67 2.99 30.18
CA VAL A 16 -3.73 1.98 30.20
C VAL A 16 -3.23 0.79 31.01
N ALA A 17 -3.85 0.56 32.17
CA ALA A 17 -3.48 -0.57 33.00
C ALA A 17 -4.05 -1.87 32.44
N GLY A 18 -3.29 -2.95 32.60
CA GLY A 18 -3.73 -4.27 32.19
C GLY A 18 -3.60 -4.60 30.72
N ALA A 19 -2.93 -3.76 29.94
CA ALA A 19 -2.82 -4.01 28.51
C ALA A 19 -1.77 -5.09 28.23
N PRO A 20 -1.86 -5.76 27.09
CA PRO A 20 -0.79 -6.70 26.71
C PRO A 20 0.54 -5.98 26.54
N GLN A 21 1.62 -6.74 26.70
CA GLN A 21 2.96 -6.16 26.66
C GLN A 21 3.22 -5.47 25.32
N VAL A 22 2.88 -6.14 24.23
CA VAL A 22 3.05 -5.56 22.90
C VAL A 22 1.71 -5.66 22.20
N LEU A 23 1.17 -4.51 21.82
CA LEU A 23 -0.17 -4.46 21.22
C LEU A 23 -0.10 -3.68 19.91
N GLU A 24 -0.45 -4.35 18.80
CA GLU A 24 -0.43 -3.74 17.48
C GLU A 24 -1.86 -3.55 16.99
N PHE A 25 -2.09 -2.45 16.29
CA PHE A 25 -3.38 -2.21 15.64
C PHE A 25 -3.15 -2.03 14.15
N PHE A 26 -4.06 -2.57 13.34
CA PHE A 26 -3.88 -2.47 11.89
C PHE A 26 -5.25 -2.43 11.25
N SER A 27 -5.27 -2.12 9.95
CA SER A 27 -6.48 -2.30 9.13
C SER A 27 -6.08 -2.98 7.84
N PHE A 28 -6.95 -3.86 7.32
CA PHE A 28 -6.65 -4.40 6.01
C PHE A 28 -6.79 -3.37 4.90
N PHE A 29 -7.34 -2.17 5.19
CA PHE A 29 -7.35 -1.04 4.25
C PHE A 29 -6.10 -0.16 4.34
N CYS A 30 -5.23 -0.39 5.28
CA CYS A 30 -4.15 0.55 5.61
C CYS A 30 -2.89 0.22 4.80
N PRO A 31 -2.43 1.12 3.90
CA PRO A 31 -1.29 0.75 3.02
C PRO A 31 0.01 0.48 3.75
N HIS A 32 0.37 1.27 4.78
CA HIS A 32 1.56 0.93 5.55
C HIS A 32 1.41 -0.41 6.25
N CYS A 33 0.19 -0.76 6.69
CA CYS A 33 -0.02 -2.05 7.32
C CYS A 33 0.28 -3.18 6.36
N TYR A 34 -0.17 -3.03 5.11
CA TYR A 34 0.13 -4.02 4.07
C TYR A 34 1.61 -4.26 3.98
N GLN A 35 2.39 -3.17 3.95
N GLN A 35 2.41 -3.19 3.99
CA GLN A 35 3.85 -3.26 3.89
CA GLN A 35 3.86 -3.32 3.89
C GLN A 35 4.41 -3.91 5.15
C GLN A 35 4.45 -3.87 5.17
N PHE A 36 3.88 -3.51 6.33
CA PHE A 36 4.35 -4.06 7.60
C PHE A 36 4.23 -5.57 7.58
N GLU A 37 3.23 -6.10 6.88
CA GLU A 37 3.02 -7.53 6.76
C GLU A 37 3.93 -8.13 5.68
N GLU A 38 3.85 -7.63 4.43
CA GLU A 38 4.43 -8.36 3.30
C GLU A 38 5.89 -8.06 3.05
N VAL A 39 6.36 -6.85 3.37
CA VAL A 39 7.67 -6.37 2.95
C VAL A 39 8.62 -6.19 4.13
N LEU A 40 8.08 -5.70 5.25
CA LEU A 40 8.88 -5.44 6.44
C LEU A 40 8.79 -6.54 7.50
N HIS A 41 7.69 -7.27 7.55
CA HIS A 41 7.49 -8.32 8.55
C HIS A 41 7.77 -7.79 9.95
N ILE A 42 7.11 -6.67 10.29
CA ILE A 42 7.41 -5.96 11.55
C ILE A 42 7.14 -6.85 12.76
N SER A 43 6.01 -7.57 12.77
CA SER A 43 5.67 -8.34 13.97
C SER A 43 6.71 -9.41 14.23
N ASP A 44 7.15 -10.11 13.19
N ASP A 44 7.11 -10.14 13.17
CA ASP A 44 8.13 -11.17 13.40
CA ASP A 44 8.14 -11.16 13.27
C ASP A 44 9.48 -10.59 13.82
C ASP A 44 9.44 -10.58 13.82
N ASN A 45 9.89 -9.46 13.25
CA ASN A 45 11.16 -8.89 13.63
C ASN A 45 11.15 -8.33 15.03
N VAL A 46 10.01 -7.79 15.47
CA VAL A 46 9.89 -7.36 16.86
C VAL A 46 9.92 -8.58 17.79
N LYS A 47 9.21 -9.65 17.42
CA LYS A 47 9.19 -10.85 18.26
C LYS A 47 10.59 -11.41 18.46
N LYS A 48 11.43 -11.39 17.42
CA LYS A 48 12.78 -11.93 17.51
C LYS A 48 13.70 -11.11 18.40
N LYS A 49 13.39 -9.84 18.62
CA LYS A 49 14.18 -8.97 19.50
C LYS A 49 13.67 -8.94 20.93
N LEU A 50 12.53 -9.58 21.23
CA LEU A 50 12.01 -9.64 22.58
C LEU A 50 12.27 -11.03 23.19
N PRO A 51 12.23 -11.15 24.51
CA PRO A 51 12.47 -12.45 25.13
C PRO A 51 11.43 -13.47 24.72
N GLU A 52 11.81 -14.75 24.81
CA GLU A 52 10.90 -15.84 24.50
C GLU A 52 9.65 -15.74 25.37
N GLY A 53 8.50 -15.99 24.77
CA GLY A 53 7.27 -16.08 25.53
C GLY A 53 6.57 -14.78 25.86
N VAL A 54 7.10 -13.63 25.43
CA VAL A 54 6.38 -12.38 25.66
C VAL A 54 5.08 -12.41 24.85
N LYS A 55 4.02 -11.84 25.41
CA LYS A 55 2.75 -11.84 24.72
C LYS A 55 2.69 -10.69 23.73
N MET A 56 2.39 -11.00 22.48
CA MET A 56 2.14 -10.00 21.45
C MET A 56 0.72 -10.16 20.96
N THR A 57 0.03 -9.03 20.82
CA THR A 57 -1.39 -9.03 20.47
C THR A 57 -1.57 -8.14 19.25
N LYS A 58 -2.44 -8.53 18.33
CA LYS A 58 -2.69 -7.72 17.14
C LYS A 58 -4.18 -7.66 16.87
N TYR A 59 -4.72 -6.43 16.82
CA TYR A 59 -6.15 -6.19 16.65
C TYR A 59 -6.43 -5.37 15.40
N HIS A 60 -7.59 -5.63 14.81
CA HIS A 60 -8.08 -4.85 13.66
C HIS A 60 -8.91 -3.66 14.16
N VAL A 61 -9.06 -2.64 13.31
CA VAL A 61 -9.77 -1.42 13.69
C VAL A 61 -10.89 -1.15 12.70
N ASN A 62 -11.90 -0.39 13.18
CA ASN A 62 -13.08 -0.11 12.34
C ASN A 62 -12.92 1.13 11.47
N PHE A 63 -11.99 2.04 11.78
CA PHE A 63 -12.22 3.40 11.28
C PHE A 63 -11.88 3.59 9.81
N MET A 64 -11.28 2.60 9.15
CA MET A 64 -11.06 2.68 7.70
C MET A 64 -12.03 1.74 6.99
N GLY A 65 -12.65 2.21 5.93
CA GLY A 65 -13.39 1.29 5.09
C GLY A 65 -14.86 1.12 5.40
N GLY A 66 -15.44 1.94 6.26
CA GLY A 66 -16.90 1.92 6.42
C GLY A 66 -17.45 0.55 6.83
N ASP A 67 -18.52 0.13 6.14
CA ASP A 67 -19.17 -1.16 6.44
C ASP A 67 -18.15 -2.29 6.41
N LEU A 68 -17.38 -2.34 5.34
CA LEU A 68 -16.46 -3.44 5.18
C LEU A 68 -15.35 -3.41 6.22
N GLY A 69 -14.94 -2.21 6.64
CA GLY A 69 -14.00 -2.12 7.74
C GLY A 69 -14.49 -2.85 8.98
N LYS A 70 -15.77 -2.67 9.32
CA LYS A 70 -16.34 -3.36 10.48
C LYS A 70 -16.48 -4.86 10.22
N ASP A 71 -16.83 -5.24 9.00
CA ASP A 71 -16.87 -6.66 8.65
C ASP A 71 -15.49 -7.29 8.84
N LEU A 72 -14.45 -6.52 8.51
CA LEU A 72 -13.09 -7.06 8.62
C LEU A 72 -12.66 -7.20 10.07
N THR A 73 -13.15 -6.33 10.94
CA THR A 73 -12.88 -6.50 12.37
C THR A 73 -13.55 -7.76 12.89
N GLN A 74 -14.79 -8.03 12.46
CA GLN A 74 -15.43 -9.27 12.83
C GLN A 74 -14.72 -10.48 12.24
N ALA A 75 -14.25 -10.37 10.98
CA ALA A 75 -13.53 -11.50 10.38
C ALA A 75 -12.20 -11.73 11.09
N TRP A 76 -11.56 -10.66 11.55
CA TRP A 76 -10.32 -10.85 12.29
C TRP A 76 -10.60 -11.51 13.64
N ALA A 77 -11.73 -11.18 14.25
CA ALA A 77 -12.16 -11.91 15.45
C ALA A 77 -12.37 -13.39 15.15
N VAL A 78 -12.98 -13.72 14.01
CA VAL A 78 -13.09 -15.12 13.61
C VAL A 78 -11.71 -15.74 13.47
N ALA A 79 -10.80 -15.04 12.80
CA ALA A 79 -9.47 -15.60 12.60
C ALA A 79 -8.78 -15.85 13.93
N MET A 80 -8.93 -14.92 14.90
CA MET A 80 -8.31 -15.15 16.20
C MET A 80 -8.99 -16.29 16.95
N ALA A 81 -10.32 -16.40 16.86
CA ALA A 81 -11.01 -17.47 17.57
C ALA A 81 -10.61 -18.85 17.04
N LEU A 82 -10.42 -18.94 15.73
CA LEU A 82 -10.07 -20.19 15.07
C LEU A 82 -8.57 -20.42 14.99
N GLY A 83 -7.76 -19.44 15.36
CA GLY A 83 -6.32 -19.55 15.27
C GLY A 83 -5.78 -19.64 13.86
N VAL A 84 -6.41 -18.95 12.90
CA VAL A 84 -6.01 -19.04 11.50
C VAL A 84 -5.47 -17.71 10.96
N GLU A 85 -5.05 -16.80 11.85
CA GLU A 85 -4.47 -15.52 11.41
C GLU A 85 -3.42 -15.70 10.32
N ASP A 86 -2.49 -16.62 10.52
CA ASP A 86 -1.40 -16.76 9.57
C ASP A 86 -1.88 -17.26 8.22
N LYS A 87 -3.03 -17.92 8.17
CA LYS A 87 -3.56 -18.42 6.91
C LYS A 87 -4.31 -17.36 6.12
N VAL A 88 -4.87 -16.34 6.79
CA VAL A 88 -5.76 -15.40 6.10
C VAL A 88 -5.20 -13.98 6.01
N THR A 89 -4.11 -13.65 6.70
N THR A 89 -4.13 -13.64 6.73
CA THR A 89 -3.69 -12.25 6.70
CA THR A 89 -3.64 -12.26 6.72
C THR A 89 -3.29 -11.79 5.30
C THR A 89 -3.31 -11.80 5.30
N VAL A 90 -2.45 -12.55 4.61
CA VAL A 90 -1.98 -12.13 3.28
C VAL A 90 -3.13 -12.11 2.28
N PRO A 91 -3.95 -13.15 2.16
CA PRO A 91 -5.04 -13.06 1.18
C PRO A 91 -6.05 -11.96 1.51
N LEU A 92 -6.30 -11.66 2.80
CA LEU A 92 -7.17 -10.51 3.10
C LEU A 92 -6.53 -9.20 2.68
N PHE A 93 -5.24 -9.00 2.99
CA PHE A 93 -4.56 -7.79 2.53
C PHE A 93 -4.59 -7.66 1.02
N GLU A 94 -4.28 -8.75 0.32
CA GLU A 94 -4.26 -8.67 -1.15
C GLU A 94 -5.65 -8.52 -1.75
N GLY A 95 -6.65 -9.21 -1.15
CA GLY A 95 -8.03 -9.05 -1.63
C GLY A 95 -8.55 -7.64 -1.47
N VAL A 96 -8.16 -6.96 -0.39
CA VAL A 96 -8.61 -5.57 -0.22
C VAL A 96 -7.78 -4.62 -1.08
N GLN A 97 -6.44 -4.71 -1.02
CA GLN A 97 -5.61 -3.65 -1.57
C GLN A 97 -5.01 -3.94 -2.94
N LYS A 98 -4.79 -5.21 -3.29
CA LYS A 98 -4.08 -5.51 -4.52
C LYS A 98 -5.05 -5.89 -5.64
N THR A 99 -5.82 -6.97 -5.46
CA THR A 99 -6.79 -7.40 -6.46
C THR A 99 -8.12 -6.67 -6.33
N GLN A 100 -8.43 -6.12 -5.16
CA GLN A 100 -9.71 -5.45 -4.93
C GLN A 100 -10.87 -6.38 -5.28
N THR A 101 -10.76 -7.63 -4.82
CA THR A 101 -11.78 -8.63 -5.02
C THR A 101 -12.60 -8.84 -3.76
N ILE A 102 -12.27 -8.11 -2.69
CA ILE A 102 -13.06 -8.18 -1.46
C ILE A 102 -13.97 -6.96 -1.42
N ARG A 103 -15.26 -7.16 -1.67
CA ARG A 103 -16.21 -6.05 -1.68
C ARG A 103 -17.39 -6.25 -0.75
N SER A 104 -17.49 -7.40 -0.09
CA SER A 104 -18.67 -7.75 0.68
C SER A 104 -18.22 -8.74 1.74
N ALA A 105 -19.06 -8.94 2.75
CA ALA A 105 -18.78 -9.97 3.74
C ALA A 105 -18.69 -11.35 3.09
N SER A 106 -19.45 -11.59 2.02
CA SER A 106 -19.33 -12.87 1.34
C SER A 106 -17.93 -13.07 0.75
N ASP A 107 -17.35 -12.00 0.17
CA ASP A 107 -15.99 -12.13 -0.38
C ASP A 107 -14.97 -12.40 0.72
N ILE A 108 -15.19 -11.86 1.91
CA ILE A 108 -14.32 -12.18 3.02
C ILE A 108 -14.42 -13.66 3.35
N ARG A 109 -15.65 -14.15 3.48
CA ARG A 109 -15.83 -15.58 3.72
C ARG A 109 -15.09 -16.42 2.68
N ASP A 110 -15.14 -16.01 1.40
CA ASP A 110 -14.45 -16.80 0.37
C ASP A 110 -12.96 -16.95 0.67
N VAL A 111 -12.32 -15.89 1.20
CA VAL A 111 -10.91 -15.99 1.55
C VAL A 111 -10.68 -17.11 2.55
N PHE A 112 -11.55 -17.20 3.56
CA PHE A 112 -11.39 -18.25 4.57
C PHE A 112 -11.63 -19.63 3.97
N ILE A 113 -12.62 -19.73 3.07
CA ILE A 113 -12.94 -21.02 2.43
C ILE A 113 -11.74 -21.47 1.61
N ASN A 114 -11.19 -20.55 0.82
CA ASN A 114 -10.02 -20.86 -0.01
C ASN A 114 -8.81 -21.25 0.84
N ALA A 115 -8.69 -20.68 2.03
CA ALA A 115 -7.62 -21.04 2.94
C ALA A 115 -7.88 -22.33 3.70
N GLY A 116 -9.01 -23.00 3.43
CA GLY A 116 -9.29 -24.30 4.02
C GLY A 116 -10.09 -24.30 5.31
N ILE A 117 -10.63 -23.17 5.75
CA ILE A 117 -11.57 -23.15 6.87
C ILE A 117 -12.93 -23.60 6.33
N LYS A 118 -13.53 -24.59 6.99
CA LYS A 118 -14.80 -25.12 6.52
C LYS A 118 -15.90 -24.07 6.64
N GLY A 119 -16.81 -24.07 5.67
CA GLY A 119 -17.87 -23.08 5.68
C GLY A 119 -18.67 -23.11 6.96
N GLU A 120 -19.05 -24.31 7.40
N GLU A 120 -19.05 -24.31 7.41
CA GLU A 120 -19.84 -24.45 8.62
CA GLU A 120 -19.86 -24.42 8.63
C GLU A 120 -19.11 -23.84 9.81
C GLU A 120 -19.11 -23.86 9.84
N GLU A 121 -17.81 -24.09 9.92
CA GLU A 121 -17.05 -23.61 11.07
C GLU A 121 -16.80 -22.11 11.00
N TYR A 122 -16.59 -21.56 9.80
CA TYR A 122 -16.57 -20.10 9.67
C TYR A 122 -17.90 -19.47 10.11
N ASP A 123 -19.01 -19.99 9.58
CA ASP A 123 -20.29 -19.36 9.89
C ASP A 123 -20.62 -19.47 11.37
N ALA A 124 -20.30 -20.61 11.99
CA ALA A 124 -20.55 -20.77 13.42
C ALA A 124 -19.77 -19.75 14.23
N ALA A 125 -18.49 -19.59 13.93
CA ALA A 125 -17.69 -18.56 14.59
C ALA A 125 -18.26 -17.18 14.32
N TRP A 126 -18.53 -16.86 13.03
CA TRP A 126 -18.99 -15.52 12.68
C TRP A 126 -20.17 -15.08 13.53
N ASN A 127 -21.08 -16.00 13.82
CA ASN A 127 -22.32 -15.74 14.54
C ASN A 127 -22.19 -15.96 16.04
N SER A 128 -21.00 -16.32 16.53
CA SER A 128 -20.87 -16.75 17.92
C SER A 128 -20.76 -15.55 18.87
N PHE A 129 -21.21 -15.75 20.11
CA PHE A 129 -20.97 -14.72 21.11
C PHE A 129 -19.49 -14.64 21.52
N VAL A 130 -18.73 -15.73 21.39
CA VAL A 130 -17.30 -15.61 21.63
C VAL A 130 -16.67 -14.59 20.67
N VAL A 131 -17.11 -14.58 19.41
CA VAL A 131 -16.59 -13.62 18.44
C VAL A 131 -17.17 -12.23 18.69
N LYS A 132 -18.44 -12.13 19.09
CA LYS A 132 -18.95 -10.82 19.51
C LYS A 132 -18.09 -10.20 20.61
N SER A 133 -17.64 -11.03 21.56
CA SER A 133 -16.82 -10.51 22.64
C SER A 133 -15.43 -10.16 22.15
N LEU A 134 -14.91 -10.92 21.19
CA LEU A 134 -13.62 -10.55 20.62
C LEU A 134 -13.70 -9.25 19.82
N VAL A 135 -14.83 -9.01 19.15
CA VAL A 135 -15.05 -7.70 18.50
C VAL A 135 -15.05 -6.57 19.53
N ALA A 136 -15.77 -6.77 20.64
CA ALA A 136 -15.77 -5.76 21.69
C ALA A 136 -14.36 -5.56 22.22
N GLN A 137 -13.58 -6.63 22.35
CA GLN A 137 -12.26 -6.48 22.94
C GLN A 137 -11.38 -5.64 22.04
N GLN A 138 -11.49 -5.84 20.73
CA GLN A 138 -10.70 -5.06 19.79
C GLN A 138 -11.11 -3.59 19.84
N GLU A 139 -12.41 -3.33 19.86
CA GLU A 139 -12.87 -1.95 19.90
C GLU A 139 -12.43 -1.27 21.19
N LYS A 140 -12.54 -1.98 22.32
CA LYS A 140 -12.17 -1.39 23.60
C LYS A 140 -10.69 -1.02 23.64
N ALA A 141 -9.83 -1.93 23.18
CA ALA A 141 -8.40 -1.67 23.15
C ALA A 141 -8.10 -0.42 22.34
N ALA A 142 -8.71 -0.28 21.16
CA ALA A 142 -8.49 0.90 20.33
C ALA A 142 -9.04 2.15 21.00
N ALA A 143 -10.24 2.03 21.60
CA ALA A 143 -10.86 3.19 22.21
C ALA A 143 -10.07 3.75 23.37
N ASP A 144 -9.45 2.87 24.15
CA ASP A 144 -8.63 3.33 25.26
C ASP A 144 -7.66 4.46 24.88
N VAL A 145 -7.24 4.57 23.62
CA VAL A 145 -6.32 5.63 23.18
C VAL A 145 -6.82 6.42 21.97
N GLN A 146 -8.15 6.50 21.80
CA GLN A 146 -8.81 7.25 20.72
C GLN A 146 -8.01 7.14 19.43
N LEU A 147 -7.58 5.91 19.13
CA LEU A 147 -6.70 5.62 18.03
C LEU A 147 -7.26 6.15 16.72
N ARG A 148 -6.46 6.94 15.99
CA ARG A 148 -6.92 7.53 14.74
C ARG A 148 -5.98 7.23 13.59
N GLY A 149 -4.90 6.47 13.84
CA GLY A 149 -3.94 6.08 12.83
C GLY A 149 -3.42 4.67 13.04
N VAL A 150 -3.30 3.93 11.95
CA VAL A 150 -2.60 2.65 11.95
C VAL A 150 -1.53 2.72 10.85
N PRO A 151 -0.52 1.85 10.92
CA PRO A 151 -0.19 0.84 11.93
C PRO A 151 0.28 1.51 13.22
N ALA A 152 -0.15 0.96 14.35
CA ALA A 152 0.21 1.54 15.65
C ALA A 152 0.68 0.39 16.53
N MET A 153 1.65 0.66 17.39
CA MET A 153 2.08 -0.32 18.37
C MET A 153 2.25 0.36 19.71
N PHE A 154 1.77 -0.31 20.75
CA PHE A 154 1.85 0.19 22.11
C PHE A 154 2.59 -0.83 22.96
N VAL A 155 3.42 -0.35 23.87
CA VAL A 155 4.22 -1.21 24.72
C VAL A 155 3.82 -0.96 26.15
N ASN A 156 3.42 -2.04 26.83
CA ASN A 156 3.05 -2.04 28.26
C ASN A 156 1.98 -1.03 28.58
N GLY A 157 1.10 -0.76 27.62
CA GLY A 157 0.01 0.14 27.87
C GLY A 157 0.43 1.58 28.11
N LYS A 158 1.70 1.90 27.82
CA LYS A 158 2.30 3.17 28.21
C LYS A 158 2.91 3.97 27.07
N TYR A 159 3.56 3.29 26.12
CA TYR A 159 4.35 3.97 25.11
C TYR A 159 3.82 3.60 23.74
N GLN A 160 3.89 4.56 22.83
CA GLN A 160 3.40 4.38 21.48
C GLN A 160 4.57 4.59 20.53
N LEU A 161 4.84 3.59 19.72
CA LEU A 161 5.90 3.71 18.71
C LEU A 161 5.61 4.90 17.79
N ASN A 162 6.67 5.59 17.36
CA ASN A 162 6.55 6.74 16.46
C ASN A 162 7.42 6.49 15.23
N PRO A 163 6.93 5.75 14.24
CA PRO A 163 7.77 5.43 13.07
C PRO A 163 8.05 6.64 12.19
N GLN A 164 7.25 7.70 12.32
CA GLN A 164 7.51 8.95 11.60
C GLN A 164 8.92 9.47 11.89
N GLY A 165 9.47 9.13 13.05
CA GLY A 165 10.80 9.58 13.41
C GLY A 165 11.93 8.63 13.07
N MET A 166 11.70 7.62 12.21
CA MET A 166 12.70 6.61 11.91
C MET A 166 13.17 6.70 10.45
N ASP A 167 14.37 6.20 10.19
N ASP A 167 14.38 6.18 10.19
CA ASP A 167 14.98 6.26 8.85
CA ASP A 167 14.95 6.24 8.85
C ASP A 167 14.17 5.44 7.85
C ASP A 167 14.12 5.45 7.86
N THR A 168 13.80 6.06 6.72
CA THR A 168 13.03 5.35 5.69
C THR A 168 13.79 5.25 4.38
N SER A 169 15.09 5.54 4.37
CA SER A 169 15.91 5.33 3.20
C SER A 169 16.23 3.86 3.00
N ASN A 170 16.11 3.06 4.05
CA ASN A 170 16.50 1.66 3.98
C ASN A 170 15.48 0.84 4.77
N MET A 171 14.82 -0.09 4.09
CA MET A 171 13.74 -0.82 4.74
C MET A 171 14.25 -1.65 5.92
N ASP A 172 15.43 -2.27 5.79
CA ASP A 172 15.87 -3.12 6.89
C ASP A 172 16.35 -2.28 8.06
N VAL A 173 16.92 -1.11 7.79
CA VAL A 173 17.31 -0.22 8.88
C VAL A 173 16.09 0.27 9.65
N PHE A 174 15.04 0.66 8.93
CA PHE A 174 13.76 1.02 9.55
C PHE A 174 13.24 -0.10 10.47
N VAL A 175 13.20 -1.33 9.96
CA VAL A 175 12.72 -2.45 10.77
C VAL A 175 13.58 -2.60 12.01
N GLN A 176 14.92 -2.49 11.86
CA GLN A 176 15.81 -2.64 13.01
C GLN A 176 15.59 -1.53 14.04
N GLN A 177 15.42 -0.29 13.58
CA GLN A 177 15.17 0.79 14.52
C GLN A 177 13.84 0.59 15.23
N TYR A 178 12.84 0.13 14.48
CA TYR A 178 11.52 -0.09 15.07
C TYR A 178 11.60 -1.15 16.15
N ALA A 179 12.19 -2.29 15.81
CA ALA A 179 12.24 -3.39 16.77
C ALA A 179 13.12 -3.05 17.96
N ASP A 180 14.26 -2.38 17.73
CA ASP A 180 15.13 -1.99 18.85
C ASP A 180 14.42 -0.99 19.75
N THR A 181 13.57 -0.14 19.16
CA THR A 181 12.80 0.78 20.01
C THR A 181 11.80 0.01 20.87
N VAL A 182 11.10 -0.97 20.27
CA VAL A 182 10.20 -1.79 21.07
C VAL A 182 10.96 -2.45 22.21
N LYS A 183 12.14 -3.01 21.90
CA LYS A 183 12.93 -3.68 22.95
C LYS A 183 13.30 -2.70 24.06
N TYR A 184 13.74 -1.49 23.69
CA TYR A 184 14.06 -0.45 24.67
C TYR A 184 12.84 -0.12 25.53
N LEU A 185 11.68 0.06 24.90
CA LEU A 185 10.48 0.42 25.66
C LEU A 185 10.06 -0.71 26.60
N SER A 186 10.19 -1.96 26.14
CA SER A 186 9.78 -3.09 26.97
C SER A 186 10.68 -3.25 28.20
N GLU A 187 11.91 -2.73 28.14
CA GLU A 187 12.85 -2.79 29.25
C GLU A 187 12.76 -1.57 30.16
N LYS A 188 11.85 -0.65 29.87
CA LYS A 188 11.63 0.51 30.72
C LYS A 188 10.79 0.11 31.94
N ALA B 1 -27.19 8.49 -21.10
CA ALA B 1 -25.88 8.43 -21.78
C ALA B 1 -24.95 7.37 -21.21
N GLN B 2 -24.10 6.80 -22.06
CA GLN B 2 -23.22 5.75 -21.58
C GLN B 2 -22.23 6.31 -20.57
N TYR B 3 -21.46 7.31 -20.98
CA TYR B 3 -20.44 7.90 -20.12
C TYR B 3 -21.10 8.99 -19.30
N GLU B 4 -21.01 8.87 -17.98
CA GLU B 4 -21.69 9.81 -17.08
C GLU B 4 -20.66 10.32 -16.09
N ASP B 5 -20.58 11.65 -15.96
CA ASP B 5 -19.66 12.25 -15.01
C ASP B 5 -19.92 11.69 -13.61
N GLY B 6 -18.85 11.22 -12.95
CA GLY B 6 -18.96 10.58 -11.66
C GLY B 6 -19.11 9.08 -11.75
N LYS B 7 -19.33 8.54 -12.95
CA LYS B 7 -19.38 7.10 -13.11
C LYS B 7 -18.03 6.59 -13.60
N GLN B 8 -17.76 6.65 -14.91
CA GLN B 8 -16.48 6.14 -15.41
C GLN B 8 -15.32 7.12 -15.20
N TYR B 9 -15.63 8.38 -14.88
CA TYR B 9 -14.62 9.42 -14.76
C TYR B 9 -15.21 10.54 -13.92
N THR B 10 -14.33 11.43 -13.46
CA THR B 10 -14.70 12.69 -12.86
C THR B 10 -13.96 13.81 -13.57
N THR B 11 -14.38 15.03 -13.29
CA THR B 11 -13.88 16.23 -13.97
C THR B 11 -13.11 17.10 -12.99
N LEU B 12 -11.89 17.48 -13.38
CA LEU B 12 -11.08 18.36 -12.53
C LEU B 12 -11.71 19.73 -12.43
N GLU B 13 -11.88 20.22 -11.20
CA GLU B 13 -12.39 21.58 -11.03
C GLU B 13 -11.43 22.62 -11.60
N LYS B 14 -10.13 22.37 -11.52
CA LYS B 14 -9.09 23.29 -11.97
C LYS B 14 -8.25 22.57 -13.02
N PRO B 15 -8.70 22.54 -14.27
CA PRO B 15 -7.94 21.82 -15.30
C PRO B 15 -6.58 22.47 -15.53
N VAL B 16 -5.62 21.65 -15.94
CA VAL B 16 -4.21 22.03 -16.07
C VAL B 16 -3.88 22.17 -17.55
N ALA B 17 -3.45 23.38 -17.95
CA ALA B 17 -3.01 23.57 -19.32
C ALA B 17 -1.63 22.96 -19.53
N GLY B 18 -1.37 22.50 -20.75
CA GLY B 18 -0.09 21.89 -21.05
C GLY B 18 0.11 20.50 -20.51
N ALA B 19 -0.94 19.84 -20.01
CA ALA B 19 -0.82 18.50 -19.47
C ALA B 19 -0.68 17.46 -20.59
N PRO B 20 -0.01 16.35 -20.33
CA PRO B 20 0.06 15.27 -21.33
C PRO B 20 -1.34 14.78 -21.71
N GLN B 21 -1.45 14.26 -22.94
CA GLN B 21 -2.73 13.76 -23.42
C GLN B 21 -3.28 12.67 -22.51
N VAL B 22 -2.43 11.68 -22.17
CA VAL B 22 -2.81 10.59 -21.27
C VAL B 22 -1.69 10.45 -20.25
N LEU B 23 -2.00 10.73 -18.99
CA LEU B 23 -0.98 10.79 -17.95
C LEU B 23 -1.31 9.81 -16.84
N GLU B 24 -0.44 8.83 -16.65
CA GLU B 24 -0.61 7.80 -15.63
C GLU B 24 0.38 8.05 -14.50
N PHE B 25 -0.07 7.84 -13.26
CA PHE B 25 0.80 7.88 -12.09
C PHE B 25 0.80 6.51 -11.40
N PHE B 26 1.95 6.13 -10.86
CA PHE B 26 2.09 4.84 -10.20
C PHE B 26 3.20 4.93 -9.16
N SER B 27 3.34 3.89 -8.35
CA SER B 27 4.51 3.75 -7.48
C SER B 27 4.91 2.29 -7.47
N PHE B 28 6.22 2.03 -7.42
CA PHE B 28 6.65 0.65 -7.26
C PHE B 28 6.30 0.07 -5.90
N PHE B 29 5.89 0.91 -4.92
CA PHE B 29 5.42 0.39 -3.62
C PHE B 29 3.92 0.08 -3.59
N CYS B 30 3.21 0.40 -4.66
CA CYS B 30 1.76 0.37 -4.66
C CYS B 30 1.25 -0.98 -5.18
N PRO B 31 0.63 -1.81 -4.33
CA PRO B 31 0.16 -3.15 -4.78
C PRO B 31 -0.86 -3.11 -5.90
N HIS B 32 -1.85 -2.24 -5.82
CA HIS B 32 -2.82 -2.15 -6.91
C HIS B 32 -2.18 -1.62 -8.20
N CYS B 33 -1.08 -0.87 -8.10
CA CYS B 33 -0.37 -0.45 -9.32
C CYS B 33 0.28 -1.65 -9.99
N TYR B 34 0.85 -2.55 -9.20
CA TYR B 34 1.41 -3.79 -9.73
C TYR B 34 0.32 -4.60 -10.42
N GLN B 35 -0.85 -4.70 -9.77
CA GLN B 35 -1.98 -5.40 -10.35
C GLN B 35 -2.39 -4.78 -11.68
N PHE B 36 -2.52 -3.44 -11.70
CA PHE B 36 -2.89 -2.72 -12.92
C PHE B 36 -1.92 -3.00 -14.04
N GLU B 37 -0.62 -2.83 -13.77
CA GLU B 37 0.35 -2.88 -14.87
C GLU B 37 0.64 -4.31 -15.33
N GLU B 38 0.72 -5.25 -14.39
CA GLU B 38 1.28 -6.55 -14.69
C GLU B 38 0.27 -7.69 -14.67
N VAL B 39 -0.92 -7.51 -14.10
CA VAL B 39 -1.93 -8.55 -14.09
C VAL B 39 -3.09 -8.19 -15.02
N LEU B 40 -3.73 -7.05 -14.79
CA LEU B 40 -4.79 -6.58 -15.68
C LEU B 40 -4.27 -6.03 -16.99
N HIS B 41 -3.01 -5.59 -17.02
CA HIS B 41 -2.44 -4.94 -18.20
C HIS B 41 -3.26 -3.74 -18.65
N ILE B 42 -3.61 -2.87 -17.70
CA ILE B 42 -4.45 -1.71 -18.03
C ILE B 42 -3.79 -0.86 -19.11
N SER B 43 -2.51 -0.50 -18.92
CA SER B 43 -1.88 0.41 -19.88
C SER B 43 -1.77 -0.23 -21.27
N ASP B 44 -1.51 -1.54 -21.35
CA ASP B 44 -1.44 -2.18 -22.67
C ASP B 44 -2.76 -2.03 -23.40
N ASN B 45 -3.86 -2.21 -22.66
CA ASN B 45 -5.18 -2.18 -23.28
C ASN B 45 -5.61 -0.77 -23.60
N VAL B 46 -5.24 0.21 -22.76
CA VAL B 46 -5.49 1.60 -23.11
C VAL B 46 -4.74 1.97 -24.38
N LYS B 47 -3.42 1.68 -24.42
CA LYS B 47 -2.62 2.03 -25.61
C LYS B 47 -3.18 1.39 -26.86
N LYS B 48 -3.63 0.13 -26.78
CA LYS B 48 -4.19 -0.56 -27.94
C LYS B 48 -5.33 0.22 -28.56
N LYS B 49 -6.09 0.95 -27.76
CA LYS B 49 -7.30 1.61 -28.24
C LYS B 49 -7.13 3.10 -28.52
N LEU B 50 -5.97 3.66 -28.21
CA LEU B 50 -5.68 5.01 -28.64
C LEU B 50 -5.24 5.00 -30.10
N PRO B 51 -5.27 6.15 -30.74
CA PRO B 51 -4.61 6.25 -32.06
C PRO B 51 -3.12 5.95 -31.95
N GLU B 52 -2.54 5.45 -33.04
CA GLU B 52 -1.12 5.19 -33.04
C GLU B 52 -0.34 6.51 -32.92
N GLY B 53 0.87 6.40 -32.38
CA GLY B 53 1.74 7.56 -32.19
C GLY B 53 1.34 8.50 -31.08
N VAL B 54 0.11 8.40 -30.56
CA VAL B 54 -0.31 9.18 -29.41
C VAL B 54 0.43 8.70 -28.18
N LYS B 55 0.94 9.63 -27.38
CA LYS B 55 1.86 9.31 -26.32
C LYS B 55 1.12 9.03 -25.02
N MET B 56 1.47 7.92 -24.39
CA MET B 56 1.10 7.69 -23.00
C MET B 56 2.29 8.08 -22.15
N THR B 57 2.05 8.91 -21.16
CA THR B 57 3.07 9.35 -20.23
C THR B 57 2.82 8.67 -18.91
N LYS B 58 3.88 8.14 -18.30
CA LYS B 58 3.74 7.51 -17.00
C LYS B 58 4.78 8.08 -16.06
N TYR B 59 4.32 8.57 -14.88
CA TYR B 59 5.18 9.14 -13.87
C TYR B 59 5.06 8.39 -12.55
N HIS B 60 6.17 8.36 -11.81
CA HIS B 60 6.25 7.78 -10.48
C HIS B 60 5.98 8.85 -9.41
N VAL B 61 5.42 8.43 -8.26
CA VAL B 61 5.09 9.34 -7.16
C VAL B 61 5.78 8.86 -5.89
N ASN B 62 6.09 9.81 -5.00
CA ASN B 62 7.02 9.58 -3.90
C ASN B 62 6.35 9.23 -2.59
N PHE B 63 5.04 9.48 -2.46
CA PHE B 63 4.38 9.52 -1.17
C PHE B 63 4.06 8.13 -0.60
N MET B 64 4.52 7.05 -1.24
CA MET B 64 4.21 5.71 -0.78
C MET B 64 5.22 5.16 0.22
N GLY B 65 6.52 5.36 -0.02
CA GLY B 65 7.53 4.67 0.75
C GLY B 65 8.67 5.52 1.24
N GLY B 66 8.38 6.65 1.88
CA GLY B 66 9.40 7.44 2.56
C GLY B 66 10.53 7.87 1.64
N ASP B 67 11.75 7.89 2.18
CA ASP B 67 12.88 8.35 1.39
C ASP B 67 13.18 7.37 0.26
N LEU B 68 12.99 6.08 0.49
CA LEU B 68 13.22 5.12 -0.58
C LEU B 68 12.24 5.36 -1.73
N GLY B 69 11.00 5.73 -1.40
CA GLY B 69 10.05 6.09 -2.44
C GLY B 69 10.58 7.21 -3.32
N LYS B 70 11.22 8.20 -2.70
CA LYS B 70 11.83 9.31 -3.44
C LYS B 70 12.93 8.81 -4.37
N ASP B 71 13.77 7.88 -3.88
CA ASP B 71 14.80 7.30 -4.73
C ASP B 71 14.20 6.56 -5.92
N LEU B 72 13.08 5.87 -5.70
CA LEU B 72 12.39 5.19 -6.79
C LEU B 72 11.85 6.17 -7.83
N THR B 73 11.41 7.35 -7.40
CA THR B 73 10.98 8.36 -8.36
C THR B 73 12.15 8.83 -9.22
N GLN B 74 13.32 9.06 -8.60
CA GLN B 74 14.50 9.41 -9.35
C GLN B 74 14.95 8.28 -10.24
N ALA B 75 14.81 7.03 -9.77
CA ALA B 75 15.21 5.90 -10.62
C ALA B 75 14.28 5.77 -11.81
N TRP B 76 12.98 6.06 -11.62
CA TRP B 76 12.08 6.08 -12.77
C TRP B 76 12.47 7.18 -13.75
N ALA B 77 12.91 8.34 -13.22
CA ALA B 77 13.44 9.38 -14.10
C ALA B 77 14.65 8.88 -14.89
N VAL B 78 15.53 8.10 -14.25
CA VAL B 78 16.65 7.50 -14.99
C VAL B 78 16.16 6.52 -16.04
N ALA B 79 15.13 5.74 -15.71
CA ALA B 79 14.60 4.78 -16.68
C ALA B 79 14.04 5.51 -17.91
N MET B 80 13.32 6.62 -17.68
CA MET B 80 12.82 7.39 -18.82
C MET B 80 13.98 7.99 -19.62
N ALA B 81 15.00 8.49 -18.92
CA ALA B 81 16.10 9.17 -19.60
C ALA B 81 16.91 8.21 -20.47
N LEU B 82 17.10 6.98 -19.98
CA LEU B 82 17.84 5.94 -20.69
C LEU B 82 16.95 5.15 -21.65
N GLY B 83 15.63 5.32 -21.57
CA GLY B 83 14.71 4.54 -22.37
C GLY B 83 14.71 3.06 -22.03
N VAL B 84 14.72 2.70 -20.75
CA VAL B 84 14.79 1.29 -20.38
C VAL B 84 13.57 0.93 -19.55
N GLU B 85 12.47 1.70 -19.73
CA GLU B 85 11.26 1.41 -18.97
C GLU B 85 10.82 -0.03 -19.15
N ASP B 86 10.90 -0.55 -20.39
CA ASP B 86 10.45 -1.93 -20.63
C ASP B 86 11.52 -2.97 -20.30
N LYS B 87 12.61 -2.57 -19.66
CA LYS B 87 13.55 -3.54 -19.11
C LYS B 87 13.51 -3.60 -17.59
N VAL B 88 13.25 -2.49 -16.91
CA VAL B 88 13.42 -2.44 -15.46
C VAL B 88 12.11 -2.44 -14.71
N THR B 89 10.97 -2.32 -15.38
CA THR B 89 9.72 -2.23 -14.62
C THR B 89 9.44 -3.50 -13.81
N VAL B 90 9.62 -4.67 -14.42
CA VAL B 90 9.33 -5.92 -13.73
C VAL B 90 10.34 -6.17 -12.60
N PRO B 91 11.66 -6.07 -12.81
CA PRO B 91 12.55 -6.30 -11.67
C PRO B 91 12.36 -5.27 -10.53
N LEU B 92 11.95 -4.04 -10.85
CA LEU B 92 11.64 -3.08 -9.80
C LEU B 92 10.39 -3.48 -9.01
N PHE B 93 9.28 -3.81 -9.70
CA PHE B 93 8.09 -4.30 -8.97
C PHE B 93 8.40 -5.55 -8.16
N GLU B 94 9.04 -6.54 -8.80
CA GLU B 94 9.33 -7.80 -8.12
C GLU B 94 10.30 -7.58 -6.96
N GLY B 95 11.32 -6.74 -7.18
CA GLY B 95 12.31 -6.51 -6.14
C GLY B 95 11.71 -5.85 -4.91
N VAL B 96 10.75 -4.93 -5.10
CA VAL B 96 10.14 -4.22 -3.96
C VAL B 96 9.09 -5.08 -3.29
N GLN B 97 8.14 -5.59 -4.07
CA GLN B 97 6.93 -6.20 -3.53
C GLN B 97 6.99 -7.71 -3.45
N LYS B 98 7.84 -8.39 -4.20
CA LYS B 98 7.77 -9.84 -4.34
C LYS B 98 8.96 -10.54 -3.66
N THR B 99 10.16 -10.35 -4.18
CA THR B 99 11.35 -11.04 -3.66
C THR B 99 12.01 -10.28 -2.53
N GLN B 100 11.63 -9.02 -2.32
CA GLN B 100 12.15 -8.21 -1.22
C GLN B 100 13.67 -8.13 -1.24
N THR B 101 14.20 -7.95 -2.44
CA THR B 101 15.61 -7.70 -2.65
C THR B 101 15.91 -6.23 -2.90
N ILE B 102 14.89 -5.39 -3.04
CA ILE B 102 15.10 -3.95 -3.16
C ILE B 102 14.75 -3.32 -1.82
N ARG B 103 15.78 -2.85 -1.11
CA ARG B 103 15.64 -2.32 0.25
C ARG B 103 16.26 -0.96 0.43
N SER B 104 17.03 -0.47 -0.56
CA SER B 104 17.67 0.83 -0.50
C SER B 104 18.05 1.21 -1.92
N ALA B 105 18.53 2.45 -2.08
CA ALA B 105 18.88 2.94 -3.41
C ALA B 105 19.94 2.08 -4.09
N SER B 106 20.87 1.53 -3.32
CA SER B 106 21.91 0.69 -3.93
C SER B 106 21.33 -0.55 -4.59
N ASP B 107 20.24 -1.10 -4.03
CA ASP B 107 19.59 -2.23 -4.70
C ASP B 107 18.89 -1.81 -5.98
N ILE B 108 18.41 -0.56 -6.05
CA ILE B 108 17.81 -0.07 -7.28
C ILE B 108 18.87 0.02 -8.36
N ARG B 109 20.04 0.57 -8.03
CA ARG B 109 21.15 0.60 -8.98
C ARG B 109 21.46 -0.79 -9.51
N ASP B 110 21.47 -1.79 -8.64
CA ASP B 110 21.81 -3.15 -9.06
C ASP B 110 20.84 -3.67 -10.12
N VAL B 111 19.56 -3.31 -9.99
CA VAL B 111 18.57 -3.72 -10.99
C VAL B 111 18.96 -3.21 -12.38
N PHE B 112 19.36 -1.95 -12.48
CA PHE B 112 19.74 -1.42 -13.80
C PHE B 112 21.01 -2.08 -14.32
N ILE B 113 22.01 -2.26 -13.45
CA ILE B 113 23.24 -2.93 -13.86
C ILE B 113 22.95 -4.36 -14.29
N ASN B 114 22.06 -5.04 -13.57
CA ASN B 114 21.71 -6.41 -13.91
C ASN B 114 21.04 -6.50 -15.27
N ALA B 115 20.29 -5.46 -15.63
CA ALA B 115 19.64 -5.40 -16.94
C ALA B 115 20.57 -4.91 -18.05
N GLY B 116 21.86 -4.71 -17.77
CA GLY B 116 22.80 -4.43 -18.85
C GLY B 116 23.28 -3.00 -18.95
N ILE B 117 22.77 -2.10 -18.11
CA ILE B 117 23.23 -0.71 -18.09
C ILE B 117 24.53 -0.65 -17.29
N LYS B 118 25.56 -0.04 -17.87
CA LYS B 118 26.79 0.07 -17.11
C LYS B 118 26.59 0.94 -15.87
N GLY B 119 27.28 0.57 -14.79
CA GLY B 119 27.14 1.32 -13.54
C GLY B 119 27.54 2.77 -13.69
N GLU B 120 28.63 3.02 -14.44
CA GLU B 120 29.05 4.39 -14.72
C GLU B 120 27.97 5.19 -15.42
N GLU B 121 27.21 4.52 -16.30
CA GLU B 121 26.18 5.21 -17.08
C GLU B 121 24.93 5.45 -16.25
N TYR B 122 24.56 4.49 -15.39
CA TYR B 122 23.47 4.73 -14.45
C TYR B 122 23.79 5.94 -13.58
N ASP B 123 25.02 6.00 -13.08
CA ASP B 123 25.39 7.08 -12.16
C ASP B 123 25.40 8.43 -12.86
N ALA B 124 25.92 8.49 -14.07
CA ALA B 124 25.91 9.74 -14.83
C ALA B 124 24.49 10.21 -15.07
N ALA B 125 23.60 9.28 -15.44
CA ALA B 125 22.21 9.64 -15.63
C ALA B 125 21.58 10.07 -14.31
N TRP B 126 21.86 9.33 -13.23
CA TRP B 126 21.28 9.65 -11.93
C TRP B 126 21.59 11.10 -11.51
N ASN B 127 22.79 11.58 -11.85
CA ASN B 127 23.23 12.92 -11.45
C ASN B 127 23.04 13.96 -12.54
N SER B 128 22.34 13.63 -13.62
CA SER B 128 22.27 14.53 -14.75
C SER B 128 21.21 15.60 -14.53
N PHE B 129 21.40 16.72 -15.24
CA PHE B 129 20.37 17.75 -15.29
C PHE B 129 19.06 17.21 -15.86
N VAL B 130 19.15 16.38 -16.90
CA VAL B 130 17.95 15.80 -17.50
C VAL B 130 17.12 15.07 -16.45
N VAL B 131 17.77 14.26 -15.61
CA VAL B 131 17.01 13.50 -14.62
C VAL B 131 16.53 14.42 -13.50
N LYS B 132 17.34 15.41 -13.12
CA LYS B 132 16.90 16.44 -12.19
C LYS B 132 15.61 17.11 -12.68
N SER B 133 15.57 17.49 -13.97
CA SER B 133 14.35 18.09 -14.52
C SER B 133 13.19 17.11 -14.53
N LEU B 134 13.45 15.85 -14.85
CA LEU B 134 12.38 14.86 -14.90
C LEU B 134 11.79 14.61 -13.52
N VAL B 135 12.61 14.66 -12.46
CA VAL B 135 12.07 14.52 -11.11
C VAL B 135 11.14 15.69 -10.80
N ALA B 136 11.57 16.92 -11.12
CA ALA B 136 10.73 18.09 -10.89
C ALA B 136 9.47 18.04 -11.74
N GLN B 137 9.59 17.55 -12.97
CA GLN B 137 8.41 17.41 -13.83
C GLN B 137 7.40 16.44 -13.24
N GLN B 138 7.86 15.29 -12.75
CA GLN B 138 6.94 14.32 -12.15
C GLN B 138 6.24 14.93 -10.93
N GLU B 139 7.01 15.61 -10.08
CA GLU B 139 6.43 16.20 -8.88
C GLU B 139 5.41 17.28 -9.22
N LYS B 140 5.72 18.11 -10.22
CA LYS B 140 4.81 19.20 -10.58
C LYS B 140 3.56 18.68 -11.26
N ALA B 141 3.65 17.57 -12.00
CA ALA B 141 2.46 16.98 -12.60
C ALA B 141 1.50 16.52 -11.53
N ALA B 142 2.01 15.82 -10.52
CA ALA B 142 1.18 15.37 -9.42
C ALA B 142 0.54 16.55 -8.69
N ALA B 143 1.34 17.59 -8.40
CA ALA B 143 0.80 18.79 -7.76
C ALA B 143 -0.33 19.39 -8.57
N ASP B 144 -0.15 19.48 -9.89
CA ASP B 144 -1.11 20.16 -10.73
C ASP B 144 -2.47 19.48 -10.75
N VAL B 145 -2.51 18.15 -10.58
CA VAL B 145 -3.78 17.44 -10.54
C VAL B 145 -4.24 17.19 -9.11
N GLN B 146 -3.56 17.78 -8.12
CA GLN B 146 -3.91 17.58 -6.72
C GLN B 146 -3.97 16.09 -6.40
N LEU B 147 -2.92 15.38 -6.82
CA LEU B 147 -2.92 13.93 -6.77
C LEU B 147 -2.87 13.48 -5.32
N ARG B 148 -3.81 12.62 -4.92
CA ARG B 148 -3.78 12.09 -3.56
C ARG B 148 -3.46 10.61 -3.49
N GLY B 149 -3.41 9.90 -4.61
CA GLY B 149 -3.14 8.47 -4.53
C GLY B 149 -2.93 7.86 -5.89
N VAL B 150 -2.43 6.62 -5.88
CA VAL B 150 -2.15 5.87 -7.11
C VAL B 150 -2.77 4.49 -6.97
N PRO B 151 -3.02 3.80 -8.10
CA PRO B 151 -2.89 4.27 -9.48
C PRO B 151 -3.88 5.40 -9.81
N ALA B 152 -3.55 6.16 -10.84
CA ALA B 152 -4.39 7.26 -11.30
C ALA B 152 -4.07 7.49 -12.77
N MET B 153 -5.07 7.93 -13.54
CA MET B 153 -4.83 8.30 -14.93
C MET B 153 -5.69 9.50 -15.27
N PHE B 154 -5.14 10.40 -16.08
CA PHE B 154 -5.75 11.68 -16.40
C PHE B 154 -5.72 11.87 -17.91
N VAL B 155 -6.79 12.44 -18.46
CA VAL B 155 -6.88 12.70 -19.89
C VAL B 155 -6.92 14.22 -20.09
N ASN B 156 -5.90 14.73 -20.79
CA ASN B 156 -5.86 16.12 -21.23
C ASN B 156 -5.97 17.10 -20.06
N GLY B 157 -5.47 16.70 -18.90
CA GLY B 157 -5.50 17.59 -17.75
C GLY B 157 -6.88 17.97 -17.30
N LYS B 158 -7.92 17.24 -17.75
CA LYS B 158 -9.30 17.62 -17.50
C LYS B 158 -10.12 16.54 -16.82
N TYR B 159 -9.89 15.27 -17.14
CA TYR B 159 -10.70 14.18 -16.62
C TYR B 159 -9.83 13.18 -15.87
N GLN B 160 -10.38 12.62 -14.82
CA GLN B 160 -9.69 11.63 -14.03
C GLN B 160 -10.46 10.33 -14.14
N LEU B 161 -9.75 9.25 -14.51
CA LEU B 161 -10.39 7.96 -14.60
C LEU B 161 -10.93 7.57 -13.23
N ASN B 162 -12.10 6.94 -13.21
CA ASN B 162 -12.79 6.57 -11.96
C ASN B 162 -13.11 5.09 -12.01
N PRO B 163 -12.10 4.22 -11.87
CA PRO B 163 -12.38 2.78 -11.93
C PRO B 163 -13.32 2.31 -10.84
N GLN B 164 -13.39 3.03 -9.73
CA GLN B 164 -14.32 2.70 -8.64
C GLN B 164 -15.77 2.73 -9.09
N GLY B 165 -16.07 3.54 -10.10
CA GLY B 165 -17.42 3.60 -10.65
C GLY B 165 -17.68 2.66 -11.81
N MET B 166 -16.70 1.86 -12.20
CA MET B 166 -16.86 0.97 -13.33
C MET B 166 -17.36 -0.38 -12.85
N ASP B 167 -17.58 -1.26 -13.82
CA ASP B 167 -18.21 -2.55 -13.57
C ASP B 167 -17.08 -3.50 -13.21
N THR B 168 -16.97 -3.80 -11.92
CA THR B 168 -15.92 -4.65 -11.39
C THR B 168 -16.33 -6.12 -11.31
N SER B 169 -17.53 -6.47 -11.80
CA SER B 169 -18.01 -7.85 -11.75
C SER B 169 -17.28 -8.78 -12.71
N ASN B 170 -16.46 -8.23 -13.62
CA ASN B 170 -15.90 -9.00 -14.71
C ASN B 170 -14.64 -8.25 -15.14
N MET B 171 -13.46 -8.82 -14.88
CA MET B 171 -12.24 -8.09 -15.15
C MET B 171 -12.02 -7.84 -16.65
N ASP B 172 -12.43 -8.78 -17.52
CA ASP B 172 -12.21 -8.53 -18.95
C ASP B 172 -13.03 -7.35 -19.44
N VAL B 173 -14.29 -7.25 -18.99
CA VAL B 173 -15.13 -6.11 -19.35
C VAL B 173 -14.65 -4.85 -18.66
N PHE B 174 -14.21 -4.97 -17.41
CA PHE B 174 -13.67 -3.81 -16.70
C PHE B 174 -12.48 -3.21 -17.43
N VAL B 175 -11.52 -4.06 -17.85
CA VAL B 175 -10.33 -3.57 -18.52
C VAL B 175 -10.70 -2.83 -19.80
N GLN B 176 -11.63 -3.38 -20.60
CA GLN B 176 -11.99 -2.67 -21.83
C GLN B 176 -12.84 -1.44 -21.52
N GLN B 177 -13.67 -1.49 -20.48
CA GLN B 177 -14.36 -0.29 -20.06
C GLN B 177 -13.38 0.82 -19.71
N TYR B 178 -12.34 0.49 -18.95
CA TYR B 178 -11.31 1.48 -18.65
C TYR B 178 -10.68 2.03 -19.93
N ALA B 179 -10.19 1.13 -20.80
CA ALA B 179 -9.60 1.56 -22.07
C ALA B 179 -10.57 2.39 -22.91
N ASP B 180 -11.83 1.95 -22.99
CA ASP B 180 -12.81 2.68 -23.79
C ASP B 180 -13.12 4.05 -23.20
N THR B 181 -13.09 4.17 -21.86
CA THR B 181 -13.28 5.47 -21.21
C THR B 181 -12.15 6.42 -21.58
N VAL B 182 -10.90 5.94 -21.56
CA VAL B 182 -9.79 6.80 -21.96
C VAL B 182 -9.97 7.25 -23.40
N LYS B 183 -10.30 6.31 -24.30
CA LYS B 183 -10.43 6.68 -25.71
C LYS B 183 -11.55 7.70 -25.90
N TYR B 184 -12.68 7.49 -25.22
CA TYR B 184 -13.82 8.40 -25.34
C TYR B 184 -13.48 9.77 -24.78
N LEU B 185 -12.82 9.80 -23.62
CA LEU B 185 -12.40 11.07 -23.06
C LEU B 185 -11.38 11.76 -23.96
N SER B 186 -10.50 10.99 -24.58
N SER B 186 -10.51 10.98 -24.59
CA SER B 186 -9.52 11.55 -25.49
CA SER B 186 -9.52 11.57 -25.49
C SER B 186 -10.15 12.17 -26.73
C SER B 186 -10.17 12.22 -26.71
N GLU B 187 -11.35 11.75 -27.10
CA GLU B 187 -12.06 12.28 -28.26
C GLU B 187 -12.99 13.44 -27.92
N LYS B 188 -13.15 13.76 -26.65
CA LYS B 188 -13.93 14.94 -26.26
C LYS B 188 -13.19 16.20 -26.68
#